data_4HK1
#
_entry.id   4HK1
#
_cell.length_a   151.157
_cell.length_b   151.157
_cell.length_c   38.282
_cell.angle_alpha   90.00
_cell.angle_beta   90.00
_cell.angle_gamma   120.00
#
_symmetry.space_group_name_H-M   'H 3'
#
loop_
_entity.id
_entity.type
_entity.pdbx_description
1 polymer 'Proliferating cell nuclear antigen'
2 water water
#
_entity_poly.entity_id   1
_entity_poly.type   'polypeptide(L)'
_entity_poly.pdbx_seq_one_letter_code
;GDPMFEARLGQATILKKILDAIKDLLNEATFDCSDSGIQLQAMDNSHVSLVSLTLRSDGFDKFRCDRNLSMGMNLGSMAK
ILKCANNEDNVTMKAQDNADTVTIMFESANQEKVSDYEMKLMNLDQEHLGIPETDFSCVVRMPAMEFARICRDLAQFSES
VVICCTKEGVKFSASGDVGTANIKLAQTGSVDKEEEAVIIEMQEPVTLTFACRYLNAFTKATPLSTQVQLSMCADVPLVV
EYAIKDLGHIRYYLAPKIEDNET
;
_entity_poly.pdbx_strand_id   A
#
# COMPACT_ATOMS: atom_id res chain seq x y z
N GLY A 1 21.34 -20.38 -17.59
CA GLY A 1 21.36 -21.64 -16.86
C GLY A 1 19.96 -22.18 -16.79
N ASP A 2 19.35 -22.11 -15.61
CA ASP A 2 17.99 -22.54 -15.37
C ASP A 2 17.61 -22.42 -13.90
N PRO A 3 16.43 -21.86 -13.58
CA PRO A 3 15.52 -20.91 -14.23
C PRO A 3 15.45 -19.61 -13.41
N MET A 4 14.96 -18.51 -14.00
CA MET A 4 15.17 -17.19 -13.40
C MET A 4 13.94 -16.27 -13.33
N PHE A 5 13.98 -15.35 -12.38
CA PHE A 5 13.02 -14.25 -12.27
C PHE A 5 13.73 -12.95 -12.54
N GLU A 6 13.18 -12.14 -13.43
CA GLU A 6 13.74 -10.82 -13.66
C GLU A 6 12.66 -9.81 -14.02
N ALA A 7 12.57 -8.76 -13.22
CA ALA A 7 11.54 -7.77 -13.39
C ALA A 7 12.16 -6.38 -13.37
N ARG A 8 11.88 -5.59 -14.40
CA ARG A 8 12.46 -4.25 -14.51
C ARG A 8 11.42 -3.15 -14.57
N LEU A 9 11.49 -2.21 -13.63
CA LEU A 9 10.62 -1.06 -13.61
C LEU A 9 11.37 0.17 -14.11
N GLY A 10 10.68 1.04 -14.85
CA GLY A 10 11.32 2.19 -15.44
C GLY A 10 11.84 3.19 -14.42
N GLN A 11 11.15 3.31 -13.30
CA GLN A 11 11.51 4.28 -12.27
C GLN A 11 11.60 3.62 -10.91
N ALA A 12 12.78 3.68 -10.30
CA ALA A 12 13.00 3.09 -8.99
C ALA A 12 12.11 3.72 -7.90
N THR A 13 11.71 4.97 -8.12
CA THR A 13 10.97 5.72 -7.11
C THR A 13 9.60 5.09 -6.89
N ILE A 14 9.03 4.53 -7.94
CA ILE A 14 7.77 3.79 -7.81
C ILE A 14 7.92 2.70 -6.75
N LEU A 15 9.04 2.00 -6.76
CA LEU A 15 9.28 0.91 -5.82
C LEU A 15 9.65 1.46 -4.45
N LYS A 16 10.35 2.59 -4.44
CA LYS A 16 10.68 3.24 -3.18
C LYS A 16 9.38 3.63 -2.47
N LYS A 17 8.42 4.15 -3.21
CA LYS A 17 7.16 4.60 -2.63
C LYS A 17 6.28 3.42 -2.20
N ILE A 18 6.37 2.31 -2.93
CA ILE A 18 5.63 1.10 -2.56
C ILE A 18 6.15 0.62 -1.22
N LEU A 19 7.47 0.57 -1.08
CA LEU A 19 8.08 0.17 0.20
C LEU A 19 7.72 1.13 1.35
N ASP A 20 7.71 2.44 1.09
CA ASP A 20 7.28 3.39 2.12
C ASP A 20 5.87 3.06 2.59
N ALA A 21 5.04 2.55 1.69
CA ALA A 21 3.63 2.28 1.98
C ALA A 21 3.42 1.04 2.84
N ILE A 22 4.44 0.20 2.97
CA ILE A 22 4.28 -1.03 3.74
C ILE A 22 5.31 -1.27 4.83
N LYS A 23 6.46 -0.60 4.74
CA LYS A 23 7.57 -0.92 5.64
C LYS A 23 7.28 -0.67 7.11
N ASP A 24 6.37 0.25 7.41
CA ASP A 24 6.06 0.62 8.79
C ASP A 24 4.95 -0.25 9.37
N LEU A 25 4.37 -1.10 8.53
CA LEU A 25 3.30 -2.00 8.95
C LEU A 25 3.83 -3.42 9.00
N LEU A 26 4.81 -3.70 8.13
CA LEU A 26 5.37 -5.04 8.00
C LEU A 26 6.90 -4.98 8.10
N ASN A 27 7.49 -5.61 9.10
CA ASN A 27 8.96 -5.69 9.05
C ASN A 27 9.49 -6.76 8.08
N GLU A 28 8.67 -7.77 7.77
CA GLU A 28 9.05 -8.72 6.74
C GLU A 28 7.82 -9.21 6.01
N ALA A 29 7.98 -9.58 4.74
CA ALA A 29 6.87 -10.14 3.99
C ALA A 29 7.35 -10.95 2.80
N THR A 30 6.44 -11.70 2.19
CA THR A 30 6.76 -12.54 1.05
C THR A 30 6.15 -11.98 -0.23
N PHE A 31 6.99 -11.81 -1.25
CA PHE A 31 6.53 -11.40 -2.57
C PHE A 31 6.32 -12.65 -3.43
N ASP A 32 5.08 -12.95 -3.80
CA ASP A 32 4.80 -14.10 -4.66
C ASP A 32 4.91 -13.70 -6.12
N CYS A 33 5.89 -14.27 -6.83
CA CYS A 33 6.09 -13.91 -8.22
C CYS A 33 5.54 -15.02 -9.12
N SER A 34 4.75 -14.64 -10.12
CA SER A 34 4.26 -15.59 -11.10
C SER A 34 4.17 -14.89 -12.46
N ASP A 35 3.69 -15.63 -13.47
CA ASP A 35 3.52 -15.08 -14.81
C ASP A 35 2.70 -13.79 -14.86
N SER A 36 1.72 -13.67 -13.96
CA SER A 36 0.84 -12.50 -13.98
C SER A 36 1.40 -11.29 -13.19
N GLY A 37 2.56 -11.44 -12.57
CA GLY A 37 3.15 -10.30 -11.87
C GLY A 37 3.60 -10.61 -10.45
N ILE A 38 3.47 -9.63 -9.56
CA ILE A 38 3.96 -9.80 -8.20
C ILE A 38 2.84 -9.49 -7.23
N GLN A 39 2.65 -10.35 -6.23
CA GLN A 39 1.64 -10.07 -5.21
C GLN A 39 2.17 -10.26 -3.80
N LEU A 40 1.54 -9.59 -2.84
CA LEU A 40 1.93 -9.68 -1.45
C LEU A 40 0.66 -9.60 -0.61
N GLN A 41 0.53 -10.51 0.36
CA GLN A 41 -0.55 -10.45 1.34
C GLN A 41 0.00 -10.80 2.72
N ALA A 42 -0.27 -9.94 3.70
CA ALA A 42 0.30 -10.12 5.03
C ALA A 42 -0.47 -9.37 6.09
N MET A 43 -0.56 -9.95 7.29
CA MET A 43 -1.06 -9.21 8.45
C MET A 43 0.03 -8.27 8.92
N ASP A 44 -0.35 -7.12 9.48
CA ASP A 44 0.65 -6.18 9.99
C ASP A 44 1.30 -6.72 11.26
N ASN A 45 2.33 -6.03 11.75
CA ASN A 45 3.10 -6.46 12.90
C ASN A 45 2.26 -6.74 14.15
N SER A 46 1.20 -5.97 14.30
CA SER A 46 0.31 -6.10 15.46
C SER A 46 -0.81 -7.08 15.17
N HIS A 47 -0.85 -7.58 13.94
CA HIS A 47 -1.83 -8.58 13.51
C HIS A 47 -3.26 -8.04 13.58
N VAL A 48 -3.43 -6.79 13.15
CA VAL A 48 -4.74 -6.12 13.13
C VAL A 48 -5.23 -5.91 11.69
N SER A 49 -4.47 -5.18 10.90
CA SER A 49 -4.78 -4.90 9.52
C SER A 49 -4.06 -5.88 8.61
N LEU A 50 -4.59 -5.95 7.40
CA LEU A 50 -4.17 -6.78 6.33
C LEU A 50 -3.75 -5.89 5.18
N VAL A 51 -2.58 -6.14 4.67
CA VAL A 51 -2.01 -5.40 3.55
C VAL A 51 -1.93 -6.30 2.31
N SER A 52 -2.45 -5.86 1.21
CA SER A 52 -2.47 -6.63 -0.01
C SER A 52 -2.04 -5.81 -1.20
N LEU A 53 -0.90 -6.18 -1.80
CA LEU A 53 -0.28 -5.46 -2.90
C LEU A 53 -0.34 -6.27 -4.20
N THR A 54 -0.74 -5.62 -5.29
CA THR A 54 -0.78 -6.27 -6.59
C THR A 54 -0.03 -5.45 -7.63
N LEU A 55 0.97 -6.07 -8.24
CA LEU A 55 1.66 -5.46 -9.36
C LEU A 55 1.52 -6.40 -10.57
N ARG A 56 0.98 -5.88 -11.67
CA ARG A 56 0.76 -6.69 -12.88
C ARG A 56 2.02 -6.75 -13.74
N SER A 57 2.21 -7.88 -14.43
CA SER A 57 3.42 -8.07 -15.25
C SER A 57 3.48 -7.05 -16.37
N ASP A 58 2.32 -6.70 -16.92
CA ASP A 58 2.26 -5.78 -18.07
C ASP A 58 2.63 -4.33 -17.72
N GLY A 59 2.85 -4.04 -16.45
CA GLY A 59 3.31 -2.72 -16.04
C GLY A 59 4.83 -2.62 -15.87
N PHE A 60 5.53 -3.75 -15.98
CA PHE A 60 6.99 -3.72 -15.95
C PHE A 60 7.55 -3.51 -17.35
N ASP A 61 8.70 -2.85 -17.44
CA ASP A 61 9.37 -2.68 -18.72
C ASP A 61 9.88 -4.03 -19.23
N LYS A 62 10.21 -4.91 -18.29
CA LYS A 62 10.60 -6.27 -18.60
C LYS A 62 10.13 -7.13 -17.45
N PHE A 63 9.50 -8.25 -17.78
CA PHE A 63 9.08 -9.18 -16.77
C PHE A 63 9.31 -10.60 -17.22
N ARG A 64 10.18 -11.30 -16.51
CA ARG A 64 10.41 -12.72 -16.78
C ARG A 64 10.31 -13.53 -15.51
N CYS A 65 9.49 -14.57 -15.54
CA CYS A 65 9.33 -15.46 -14.41
C CYS A 65 9.21 -16.90 -14.89
N ASP A 66 10.35 -17.59 -15.00
CA ASP A 66 10.40 -18.95 -15.55
C ASP A 66 9.61 -19.96 -14.73
N ARG A 67 9.73 -19.89 -13.41
CA ARG A 67 8.90 -20.67 -12.52
C ARG A 67 8.42 -19.80 -11.36
N ASN A 68 7.25 -20.13 -10.82
CA ASN A 68 6.74 -19.44 -9.64
C ASN A 68 7.76 -19.48 -8.49
N LEU A 69 7.87 -18.37 -7.77
CA LEU A 69 8.76 -18.33 -6.62
C LEU A 69 8.24 -17.30 -5.64
N SER A 70 8.62 -17.46 -4.38
CA SER A 70 8.23 -16.51 -3.36
C SER A 70 9.51 -16.03 -2.70
N MET A 71 9.63 -14.72 -2.52
CA MET A 71 10.82 -14.15 -1.92
C MET A 71 10.45 -13.56 -0.57
N GLY A 72 10.91 -14.18 0.52
CA GLY A 72 10.74 -13.60 1.83
C GLY A 72 11.83 -12.54 2.01
N MET A 73 11.41 -11.33 2.36
CA MET A 73 12.34 -10.21 2.41
C MET A 73 12.22 -9.38 3.69
N ASN A 74 13.36 -8.92 4.20
CA ASN A 74 13.33 -7.89 5.23
C ASN A 74 13.00 -6.58 4.52
N LEU A 75 11.84 -6.01 4.83
CA LEU A 75 11.42 -4.77 4.20
C LEU A 75 12.27 -3.55 4.61
N GLY A 76 12.80 -3.60 5.83
CA GLY A 76 13.68 -2.54 6.30
C GLY A 76 14.98 -2.55 5.53
N SER A 77 15.52 -3.74 5.25
CA SER A 77 16.72 -3.81 4.45
C SER A 77 16.43 -3.39 3.01
N MET A 78 15.29 -3.80 2.49
CA MET A 78 14.91 -3.45 1.13
C MET A 78 14.71 -1.93 1.00
N ALA A 79 14.17 -1.32 2.04
CA ALA A 79 14.00 0.13 2.05
C ALA A 79 15.36 0.84 1.98
N LYS A 80 16.33 0.34 2.73
CA LYS A 80 17.67 0.93 2.75
C LYS A 80 18.34 0.86 1.38
N ILE A 81 18.15 -0.25 0.69
CA ILE A 81 18.64 -0.39 -0.69
C ILE A 81 17.96 0.63 -1.62
N LEU A 82 16.64 0.76 -1.55
CA LEU A 82 15.90 1.66 -2.42
C LEU A 82 16.23 3.15 -2.16
N LYS A 83 16.69 3.44 -0.94
CA LYS A 83 17.20 4.77 -0.58
C LYS A 83 18.42 5.15 -1.42
N CYS A 84 19.06 4.15 -2.02
CA CYS A 84 20.30 4.36 -2.76
C CYS A 84 20.04 4.68 -4.22
N ALA A 85 18.77 4.63 -4.62
CA ALA A 85 18.41 4.92 -6.00
C ALA A 85 18.14 6.40 -6.21
N ASN A 86 18.56 6.93 -7.36
CA ASN A 86 18.32 8.33 -7.68
C ASN A 86 16.97 8.50 -8.38
N ASN A 87 16.67 9.72 -8.81
CA ASN A 87 15.34 10.04 -9.32
C ASN A 87 14.92 9.40 -10.64
N GLU A 88 15.86 9.27 -11.58
CA GLU A 88 15.56 8.63 -12.86
C GLU A 88 16.32 7.32 -13.08
N ASP A 89 16.63 6.64 -11.97
CA ASP A 89 17.13 5.28 -12.03
C ASP A 89 15.98 4.34 -12.33
N ASN A 90 16.25 3.29 -13.11
CA ASN A 90 15.32 2.18 -13.16
C ASN A 90 15.68 1.21 -12.04
N VAL A 91 14.89 0.16 -11.87
CA VAL A 91 15.20 -0.85 -10.86
C VAL A 91 14.91 -2.25 -11.40
N THR A 92 15.90 -3.13 -11.32
CA THR A 92 15.72 -4.52 -11.75
C THR A 92 15.89 -5.42 -10.54
N MET A 93 14.91 -6.28 -10.32
CA MET A 93 15.04 -7.31 -9.30
C MET A 93 15.26 -8.65 -10.00
N LYS A 94 16.25 -9.41 -9.53
CA LYS A 94 16.62 -10.69 -10.12
C LYS A 94 16.80 -11.73 -9.02
N ALA A 95 16.25 -12.92 -9.24
CA ALA A 95 16.43 -14.00 -8.28
C ALA A 95 16.72 -15.31 -9.02
N GLN A 96 17.96 -15.79 -8.89
CA GLN A 96 18.41 -17.02 -9.56
C GLN A 96 17.57 -18.22 -9.16
N ASN A 98 15.37 -20.80 -6.36
CA ASN A 98 16.59 -21.61 -6.29
C ASN A 98 17.25 -21.54 -4.92
CA ALA A 99 17.27 -18.09 -4.70
C ALA A 99 17.52 -18.07 -3.20
N ASP A 100 18.78 -17.92 -2.83
CA ASP A 100 19.15 -17.67 -1.45
C ASP A 100 19.23 -16.16 -1.25
N THR A 101 19.40 -15.45 -2.37
CA THR A 101 19.51 -14.00 -2.38
C THR A 101 18.65 -13.45 -3.50
N VAL A 102 18.40 -12.15 -3.45
CA VAL A 102 17.81 -11.43 -4.57
C VAL A 102 18.77 -10.29 -4.91
N THR A 103 18.83 -9.90 -6.18
CA THR A 103 19.63 -8.74 -6.52
C THR A 103 18.77 -7.58 -7.01
N ILE A 104 19.13 -6.38 -6.56
CA ILE A 104 18.44 -5.16 -6.95
C ILE A 104 19.44 -4.22 -7.62
N MET A 105 19.09 -3.79 -8.83
CA MET A 105 20.01 -3.05 -9.68
C MET A 105 19.42 -1.72 -10.13
N PHE A 106 20.18 -0.63 -9.96
CA PHE A 106 19.77 0.67 -10.49
C PHE A 106 20.70 1.08 -11.63
N GLU A 107 20.10 1.57 -12.71
CA GLU A 107 20.86 2.08 -13.86
C GLU A 107 20.21 3.37 -14.35
N SER A 108 21.02 4.27 -14.91
CA SER A 108 20.51 5.53 -15.43
C SER A 108 20.70 5.62 -16.94
N GLN A 111 23.94 8.87 -18.58
CA GLN A 111 24.21 7.70 -17.75
C GLN A 111 25.71 7.53 -17.51
N GLU A 112 26.05 6.92 -16.38
CA GLU A 112 27.44 6.72 -15.98
C GLU A 112 27.49 5.91 -14.70
N LYS A 113 26.31 5.64 -14.14
CA LYS A 113 26.22 5.07 -12.81
C LYS A 113 25.45 3.75 -12.83
N VAL A 114 26.08 2.70 -12.33
CA VAL A 114 25.44 1.40 -12.19
C VAL A 114 25.64 0.89 -10.77
N SER A 115 24.53 0.55 -10.12
CA SER A 115 24.55 0.10 -8.74
C SER A 115 23.87 -1.23 -8.65
N ASP A 116 24.50 -2.20 -7.98
CA ASP A 116 23.86 -3.47 -7.74
C ASP A 116 23.95 -3.79 -6.27
N TYR A 117 22.88 -4.36 -5.75
CA TYR A 117 22.72 -4.62 -4.33
C TYR A 117 22.26 -6.03 -4.19
N GLU A 118 22.78 -6.75 -3.20
CA GLU A 118 22.40 -8.13 -3.03
C GLU A 118 21.96 -8.40 -1.60
N MET A 119 20.78 -8.98 -1.45
CA MET A 119 20.13 -9.11 -0.15
C MET A 119 19.70 -10.56 0.06
N LYS A 120 19.89 -11.08 1.27
CA LYS A 120 19.56 -12.46 1.56
C LYS A 120 18.05 -12.64 1.62
N LEU A 121 17.57 -13.81 1.22
CA LEU A 121 16.14 -14.10 1.26
C LEU A 121 15.78 -15.02 2.43
N MET A 122 14.62 -14.76 3.04
CA MET A 122 14.04 -15.66 4.04
C MET A 122 12.92 -16.44 3.31
N ASN A 123 12.42 -17.61 3.77
CA ASN A 123 12.48 -18.29 5.08
C ASN A 123 11.34 -17.87 6.02
N LEU A 124 10.25 -17.41 5.42
CA LEU A 124 9.06 -17.03 6.18
C LEU A 124 7.94 -18.04 5.97
N ASP A 125 7.12 -18.22 7.00
CA ASP A 125 5.96 -19.11 6.91
C ASP A 125 4.89 -18.52 5.98
N GLN A 126 4.06 -19.37 5.41
CA GLN A 126 2.90 -18.88 4.67
C GLN A 126 1.96 -18.26 5.70
N GLU A 127 1.24 -17.23 5.29
CA GLU A 127 0.50 -16.40 6.25
C GLU A 127 -0.80 -16.99 6.79
N HIS A 128 -1.41 -17.91 6.03
CA HIS A 128 -2.76 -18.42 6.33
C HIS A 128 -3.78 -17.29 6.44
N LEU A 129 -4.24 -16.77 5.30
CA LEU A 129 -5.09 -15.58 5.30
C LEU A 129 -6.41 -15.73 4.56
N GLY A 130 -7.35 -14.86 4.88
CA GLY A 130 -8.57 -14.73 4.11
C GLY A 130 -8.79 -13.28 3.74
N ILE A 131 -8.90 -13.01 2.44
CA ILE A 131 -9.15 -11.65 1.99
C ILE A 131 -10.64 -11.39 1.95
N PRO A 132 -11.10 -10.37 2.71
CA PRO A 132 -12.52 -10.03 2.77
C PRO A 132 -13.10 -9.69 1.40
N SER A 137 -21.43 -1.72 -2.79
CA SER A 137 -20.82 -1.67 -1.47
C SER A 137 -21.36 -0.51 -0.64
N VAL A 139 -18.89 2.78 -1.62
CA VAL A 139 -17.54 3.24 -1.93
C VAL A 139 -17.53 4.74 -2.19
N VAL A 140 -16.42 5.37 -1.81
CA VAL A 140 -16.23 6.80 -2.02
C VAL A 140 -14.82 7.07 -2.55
N ARG A 141 -14.74 7.86 -3.61
CA ARG A 141 -13.49 8.28 -4.21
C ARG A 141 -13.24 9.72 -3.79
N MET A 142 -12.04 10.01 -3.35
CA MET A 142 -11.71 11.37 -2.92
C MET A 142 -10.19 11.59 -2.96
N PRO A 143 -9.75 12.88 -2.93
CA PRO A 143 -8.32 13.18 -2.93
C PRO A 143 -7.55 12.44 -1.84
N ALA A 144 -6.43 11.83 -2.21
CA ALA A 144 -5.60 11.11 -1.26
C ALA A 144 -5.02 12.05 -0.20
N MET A 145 -4.60 13.24 -0.62
CA MET A 145 -4.01 14.17 0.34
C MET A 145 -5.04 14.74 1.30
N GLU A 146 -6.28 14.86 0.87
CA GLU A 146 -7.36 15.31 1.76
C GLU A 146 -7.66 14.25 2.81
N PHE A 147 -7.75 13.00 2.38
CA PHE A 147 -7.94 11.90 3.31
C PHE A 147 -6.82 11.85 4.33
N ALA A 148 -5.58 12.00 3.87
CA ALA A 148 -4.42 11.98 4.75
C ALA A 148 -4.44 13.13 5.77
N ARG A 149 -4.81 14.34 5.34
CA ARG A 149 -4.87 15.54 6.17
C ARG A 149 -5.97 15.38 7.21
N ILE A 150 -7.14 14.94 6.76
CA ILE A 150 -8.26 14.69 7.65
C ILE A 150 -7.89 13.72 8.77
N CYS A 151 -7.23 12.63 8.42
CA CYS A 151 -6.85 11.62 9.41
C CYS A 151 -5.77 12.11 10.38
N ARG A 152 -4.79 12.84 9.86
CA ARG A 152 -3.77 13.45 10.69
C ARG A 152 -4.40 14.44 11.69
N ASP A 153 -5.29 15.28 11.20
CA ASP A 153 -5.91 16.32 12.03
C ASP A 153 -6.77 15.73 13.15
N LEU A 154 -7.63 14.78 12.77
CA LEU A 154 -8.58 14.22 13.72
C LEU A 154 -7.93 13.39 14.81
N ALA A 155 -6.73 12.88 14.51
CA ALA A 155 -5.94 12.14 15.47
C ALA A 155 -5.54 12.99 16.69
N GLN A 156 -5.55 14.31 16.52
CA GLN A 156 -5.27 15.23 17.63
C GLN A 156 -6.36 15.16 18.69
N PHE A 157 -7.55 14.73 18.28
CA PHE A 157 -8.71 14.78 19.17
C PHE A 157 -8.98 13.43 19.83
N SER A 158 -8.59 12.34 19.17
CA SER A 158 -9.00 11.01 19.59
C SER A 158 -8.24 9.90 18.84
N GLU A 159 -8.25 8.71 19.44
CA GLU A 159 -7.67 7.53 18.83
C GLU A 159 -8.68 6.84 17.91
N SER A 160 -9.92 7.35 17.90
CA SER A 160 -10.97 6.84 17.02
C SER A 160 -11.58 7.91 16.13
N VAL A 161 -11.92 7.52 14.90
CA VAL A 161 -12.59 8.42 13.96
C VAL A 161 -13.84 7.78 13.41
N VAL A 162 -14.95 8.51 13.53
CA VAL A 162 -16.21 8.04 12.99
C VAL A 162 -16.33 8.50 11.54
N ILE A 163 -16.57 7.55 10.63
CA ILE A 163 -16.85 7.87 9.23
C ILE A 163 -18.31 7.59 8.85
N CYS A 164 -19.00 8.65 8.44
CA CYS A 164 -20.44 8.61 8.21
C CYS A 164 -20.74 9.06 6.80
N CYS A 165 -21.16 8.14 5.94
CA CYS A 165 -21.34 8.48 4.53
C CYS A 165 -22.79 8.48 4.08
N THR A 166 -23.17 9.55 3.40
CA THR A 166 -24.43 9.64 2.69
C THR A 166 -24.09 9.98 1.24
N LYS A 167 -25.04 10.51 0.49
CA LYS A 167 -24.75 10.92 -0.89
C LYS A 167 -25.28 12.32 -1.19
N GLY A 169 -22.31 13.36 0.38
CA GLY A 169 -21.18 13.79 1.19
C GLY A 169 -20.73 12.73 2.19
N VAL A 170 -19.50 12.87 2.69
CA VAL A 170 -18.97 11.96 3.70
C VAL A 170 -18.47 12.77 4.89
N LYS A 171 -18.77 12.31 6.11
CA LYS A 171 -18.38 13.07 7.30
C LYS A 171 -17.42 12.27 8.18
N PHE A 172 -16.34 12.94 8.59
CA PHE A 172 -15.31 12.34 9.46
C PHE A 172 -15.35 13.04 10.81
N SER A 173 -15.51 12.27 11.89
CA SER A 173 -15.68 12.88 13.21
C SER A 173 -14.80 12.26 14.29
N ALA A 174 -14.46 13.08 15.28
CA ALA A 174 -13.69 12.66 16.44
C ALA A 174 -13.96 13.60 17.60
N SER A 175 -13.96 13.05 18.82
N SER A 175 -13.95 13.06 18.82
CA SER A 175 -14.15 13.87 20.02
CA SER A 175 -14.18 13.83 20.03
C SER A 175 -13.26 13.37 21.16
C SER A 175 -13.26 13.37 21.16
N GLY A 176 -12.92 14.29 22.06
CA GLY A 176 -12.08 13.97 23.20
C GLY A 176 -11.85 15.19 24.07
N ASP A 177 -10.85 15.11 24.96
CA ASP A 177 -10.50 16.21 25.86
C ASP A 177 -10.31 17.52 25.12
N VAL A 178 -9.50 17.50 24.07
CA VAL A 178 -9.23 18.69 23.27
C VAL A 178 -10.50 19.34 22.77
N GLY A 179 -11.50 18.51 22.43
CA GLY A 179 -12.77 18.99 21.93
C GLY A 179 -13.45 17.98 21.03
N THR A 180 -14.45 18.42 20.27
CA THR A 180 -15.13 17.56 19.31
C THR A 180 -14.95 18.13 17.91
N ALA A 181 -14.72 17.26 16.94
CA ALA A 181 -14.45 17.69 15.57
C ALA A 181 -15.41 17.03 14.57
N ASN A 182 -15.83 17.79 13.57
CA ASN A 182 -16.64 17.27 12.46
C ASN A 182 -16.15 17.86 11.15
N ILE A 183 -15.82 17.00 10.20
CA ILE A 183 -15.36 17.46 8.91
C ILE A 183 -16.28 16.87 7.84
N LYS A 184 -16.89 17.75 7.04
CA LYS A 184 -17.90 17.35 6.07
C LYS A 184 -17.45 17.70 4.67
N LEU A 185 -17.38 16.70 3.79
CA LEU A 185 -17.01 16.90 2.40
C LEU A 185 -18.21 16.65 1.51
N ALA A 186 -18.62 17.66 0.76
CA ALA A 186 -19.75 17.51 -0.16
C ALA A 186 -19.31 16.77 -1.42
N GLN A 187 -20.26 16.10 -2.07
CA GLN A 187 -19.95 15.51 -3.37
C GLN A 187 -19.80 16.63 -4.40
N THR A 188 -18.74 16.58 -5.19
CA THR A 188 -18.47 17.62 -6.18
C THR A 188 -19.15 17.34 -7.52
N GLU A 194 -3.60 16.20 -7.61
CA GLU A 194 -4.17 17.03 -8.67
C GLU A 194 -5.67 17.23 -8.49
N GLU A 195 -6.28 16.40 -7.66
CA GLU A 195 -7.73 16.36 -7.59
C GLU A 195 -8.38 17.04 -6.39
N GLU A 196 -9.71 17.11 -6.44
CA GLU A 196 -10.51 17.75 -5.43
C GLU A 196 -11.90 17.14 -5.54
N ALA A 197 -12.06 16.25 -6.53
CA ALA A 197 -13.33 15.59 -6.76
C ALA A 197 -13.62 14.60 -5.64
N VAL A 198 -14.84 14.65 -5.13
CA VAL A 198 -15.29 13.65 -4.16
C VAL A 198 -16.51 12.95 -4.75
N ILE A 199 -16.36 11.66 -5.03
CA ILE A 199 -17.44 10.90 -5.68
C ILE A 199 -17.92 9.77 -4.79
N ILE A 200 -19.25 9.65 -4.65
CA ILE A 200 -19.82 8.72 -3.70
C ILE A 200 -20.77 7.70 -4.35
N GLU A 201 -20.56 6.43 -4.02
CA GLU A 201 -21.45 5.36 -4.44
C GLU A 201 -22.04 4.65 -3.22
N MET A 202 -23.30 4.95 -2.90
CA MET A 202 -23.93 4.33 -1.74
C MET A 202 -25.40 4.04 -1.98
N GLN A 203 -25.88 2.95 -1.40
CA GLN A 203 -27.31 2.67 -1.34
C GLN A 203 -27.80 3.09 0.05
N GLU A 204 -27.59 2.21 1.03
CA GLU A 204 -27.90 2.54 2.40
C GLU A 204 -26.72 3.28 3.02
N PRO A 205 -27.01 4.39 3.73
CA PRO A 205 -25.92 5.10 4.40
C PRO A 205 -25.21 4.20 5.41
N VAL A 206 -23.92 4.42 5.60
CA VAL A 206 -23.11 3.65 6.52
C VAL A 206 -22.33 4.57 7.46
N THR A 207 -22.26 4.21 8.74
CA THR A 207 -21.41 4.92 9.68
C THR A 207 -20.61 3.88 10.43
N LEU A 208 -19.28 4.04 10.43
CA LEU A 208 -18.39 3.13 11.14
C LEU A 208 -17.27 3.88 11.84
N THR A 209 -16.73 3.28 12.91
CA THR A 209 -15.65 3.88 13.68
C THR A 209 -14.34 3.10 13.51
N PHE A 210 -13.26 3.82 13.19
CA PHE A 210 -11.97 3.17 12.96
C PHE A 210 -10.86 3.74 13.83
N ALA A 211 -9.84 2.93 14.04
CA ALA A 211 -8.69 3.31 14.83
C ALA A 211 -7.80 4.23 14.00
N CYS A 212 -7.64 5.46 14.46
CA CYS A 212 -6.87 6.48 13.75
C CYS A 212 -5.44 6.07 13.45
N ARG A 213 -4.81 5.36 14.38
CA ARG A 213 -3.39 5.04 14.23
C ARG A 213 -3.18 4.14 13.01
N TYR A 214 -4.20 3.35 12.67
CA TYR A 214 -4.12 2.51 11.49
C TYR A 214 -4.42 3.25 10.19
N LEU A 215 -5.45 4.10 10.19
CA LEU A 215 -5.72 4.93 9.02
C LEU A 215 -4.48 5.75 8.67
N ASN A 216 -3.86 6.32 9.69
CA ASN A 216 -2.66 7.13 9.48
C ASN A 216 -1.45 6.35 8.94
N ALA A 217 -1.40 5.04 9.21
CA ALA A 217 -0.36 4.20 8.61
C ALA A 217 -0.64 3.96 7.14
N PHE A 218 -1.93 3.77 6.82
CA PHE A 218 -2.37 3.55 5.45
C PHE A 218 -2.00 4.72 4.54
N THR A 219 -2.16 5.95 5.05
CA THR A 219 -1.86 7.16 4.29
C THR A 219 -0.38 7.38 3.90
N LYS A 220 0.50 6.48 4.33
CA LYS A 220 1.87 6.47 3.79
C LYS A 220 1.90 6.06 2.31
N ALA A 221 0.79 5.53 1.82
CA ALA A 221 0.60 5.19 0.41
C ALA A 221 0.26 6.40 -0.44
N THR A 222 -0.01 7.54 0.21
CA THR A 222 -0.46 8.74 -0.49
C THR A 222 0.35 9.17 -1.73
N PRO A 223 1.69 9.15 -1.66
CA PRO A 223 2.44 9.57 -2.85
C PRO A 223 2.18 8.71 -4.11
N LEU A 224 1.53 7.56 -3.97
CA LEU A 224 1.32 6.67 -5.10
C LEU A 224 0.10 7.02 -5.93
N SER A 225 -0.79 7.86 -5.38
CA SER A 225 -2.08 8.05 -6.02
C SER A 225 -2.70 9.37 -5.60
N THR A 226 -3.27 10.10 -6.54
CA THR A 226 -3.90 11.37 -6.18
C THR A 226 -5.34 11.18 -5.70
N GLN A 227 -5.95 10.05 -6.08
CA GLN A 227 -7.26 9.68 -5.56
C GLN A 227 -7.14 8.43 -4.70
N VAL A 228 -7.88 8.38 -3.60
CA VAL A 228 -7.93 7.17 -2.78
C VAL A 228 -9.36 6.64 -2.79
N GLN A 229 -9.51 5.32 -2.64
CA GLN A 229 -10.82 4.71 -2.60
C GLN A 229 -11.10 4.03 -1.26
N LEU A 230 -12.25 4.35 -0.68
CA LEU A 230 -12.66 3.76 0.59
C LEU A 230 -13.89 2.90 0.33
N SER A 231 -13.78 1.60 0.58
CA SER A 231 -14.94 0.70 0.47
C SER A 231 -15.44 0.38 1.86
N MET A 232 -16.66 0.85 2.17
CA MET A 232 -17.17 0.79 3.53
C MET A 232 -18.64 0.32 3.64
N CYS A 233 -18.84 -0.99 3.77
CA CYS A 233 -20.15 -1.54 4.13
C CYS A 233 -20.19 -1.81 5.62
N ALA A 234 -21.40 -1.94 6.17
CA ALA A 234 -21.57 -2.18 7.60
C ALA A 234 -21.06 -3.54 8.05
N ASP A 235 -20.46 -3.56 9.25
CA ASP A 235 -20.03 -4.79 9.93
C ASP A 235 -18.76 -5.44 9.36
N VAL A 236 -18.35 -5.05 8.15
CA VAL A 236 -17.23 -5.72 7.48
C VAL A 236 -16.04 -4.76 7.33
N PRO A 237 -14.81 -5.32 7.19
CA PRO A 237 -13.65 -4.44 7.12
C PRO A 237 -13.71 -3.36 6.05
N LEU A 238 -13.23 -2.18 6.39
CA LEU A 238 -13.03 -1.15 5.40
C LEU A 238 -11.85 -1.57 4.53
N VAL A 239 -11.90 -1.22 3.25
CA VAL A 239 -10.78 -1.40 2.36
C VAL A 239 -10.35 -0.05 1.83
N VAL A 240 -9.08 0.28 1.99
CA VAL A 240 -8.55 1.56 1.52
C VAL A 240 -7.61 1.25 0.36
N GLU A 241 -7.89 1.81 -0.81
CA GLU A 241 -7.15 1.41 -2.01
C GLU A 241 -6.49 2.57 -2.73
N TYR A 242 -5.19 2.41 -3.01
CA TYR A 242 -4.41 3.36 -3.77
C TYR A 242 -4.00 2.72 -5.10
N ALA A 243 -4.40 3.34 -6.20
CA ALA A 243 -3.97 2.89 -7.51
C ALA A 243 -2.49 3.23 -7.76
N ILE A 244 -1.72 2.23 -8.20
CA ILE A 244 -0.33 2.46 -8.59
C ILE A 244 -0.29 2.51 -10.11
N LYS A 245 0.02 3.68 -10.65
CA LYS A 245 -0.24 3.99 -12.05
C LYS A 245 0.35 3.00 -13.03
N ASP A 246 -0.50 2.47 -13.90
CA ASP A 246 -0.09 1.56 -14.97
C ASP A 246 0.60 0.33 -14.42
N LEU A 247 0.20 -0.13 -13.24
CA LEU A 247 0.96 -1.17 -12.57
C LEU A 247 0.12 -2.04 -11.66
N GLY A 248 -0.75 -1.42 -10.87
CA GLY A 248 -1.60 -2.16 -9.96
C GLY A 248 -2.17 -1.32 -8.83
N HIS A 249 -2.10 -1.85 -7.61
CA HIS A 249 -2.70 -1.17 -6.47
C HIS A 249 -2.23 -1.75 -5.15
N ILE A 250 -2.39 -0.98 -4.09
CA ILE A 250 -2.25 -1.50 -2.74
C ILE A 250 -3.59 -1.34 -2.02
N ARG A 251 -3.96 -2.33 -1.22
CA ARG A 251 -5.18 -2.27 -0.44
C ARG A 251 -4.90 -2.59 1.02
N TYR A 252 -5.52 -1.82 1.92
CA TYR A 252 -5.39 -2.04 3.35
C TYR A 252 -6.78 -2.41 3.89
N TYR A 253 -6.85 -3.42 4.75
CA TYR A 253 -8.14 -3.87 5.28
C TYR A 253 -8.18 -3.66 6.78
N LEU A 254 -9.24 -3.03 7.26
CA LEU A 254 -9.30 -2.68 8.67
C LEU A 254 -10.70 -2.87 9.21
N ALA A 255 -10.80 -3.67 10.27
CA ALA A 255 -12.11 -3.94 10.86
C ALA A 255 -12.50 -2.75 11.69
N PRO A 256 -13.79 -2.38 11.67
CA PRO A 256 -14.33 -1.30 12.52
C PRO A 256 -14.37 -1.72 13.99
N LYS A 257 -14.64 -0.77 14.88
CA LYS A 257 -14.64 -1.03 16.33
C LYS A 257 -15.89 -1.78 16.79
#